data_7ROJ
#
_entry.id   7ROJ
#
_cell.length_a   25.270
_cell.length_b   36.330
_cell.length_c   64.130
_cell.angle_alpha   90.000
_cell.angle_beta   91.920
_cell.angle_gamma   90.000
#
_symmetry.space_group_name_H-M   'P 1 21 1'
#
loop_
_entity.id
_entity.type
_entity.pdbx_description
1 polymer 'Alpha-crystallin B chain peptide'
2 non-polymer 'SODIUM ION'
3 non-polymer 'trifluoroacetic acid'
4 non-polymer GLYCEROL
5 water water
#
_entity_poly.entity_id   1
_entity_poly.type   'polypeptide(L)'
_entity_poly.pdbx_seq_one_letter_code
;KVKVLWDVIEV
;
_entity_poly.pdbx_strand_id   A,B,C,D,E,F,G,H,I,J,K,L
#
loop_
_chem_comp.id
_chem_comp.type
_chem_comp.name
_chem_comp.formula
GOL non-polymer GLYCEROL 'C3 H8 O3'
NA non-polymer 'SODIUM ION' 'Na 1'
TFA non-polymer 'trifluoroacetic acid' 'C2 H F3 O2'
#
# COMPACT_ATOMS: atom_id res chain seq x y z
N LYS A 1 -9.35 1.66 -15.64
CA LYS A 1 -8.27 1.25 -14.76
C LYS A 1 -8.59 1.58 -13.30
N VAL A 2 -8.41 0.60 -12.43
CA VAL A 2 -8.67 0.74 -11.00
C VAL A 2 -7.48 1.40 -10.33
N LYS A 3 -7.73 2.44 -9.54
CA LYS A 3 -6.71 3.05 -8.71
C LYS A 3 -7.06 2.82 -7.26
N VAL A 4 -6.05 2.57 -6.46
CA VAL A 4 -6.20 2.35 -5.03
C VAL A 4 -5.69 3.59 -4.30
N LEU A 5 -6.45 4.02 -3.29
CA LEU A 5 -6.03 5.08 -2.40
C LEU A 5 -6.04 4.55 -0.98
N TRP A 6 -5.12 5.04 -0.17
CA TRP A 6 -5.10 4.67 1.24
C TRP A 6 -4.51 5.80 2.06
N ASP A 7 -4.88 5.80 3.33
CA ASP A 7 -4.42 6.79 4.27
C ASP A 7 -4.48 6.12 5.63
N VAL A 8 -3.47 6.34 6.45
CA VAL A 8 -3.47 5.85 7.82
C VAL A 8 -3.92 7.00 8.71
N ILE A 9 -4.90 6.74 9.58
CA ILE A 9 -5.49 7.80 10.38
C ILE A 9 -5.60 7.34 11.83
N GLU A 10 -5.76 8.33 12.72
CA GLU A 10 -5.89 8.11 14.15
C GLU A 10 -7.25 8.63 14.59
N VAL A 11 -8.09 7.74 15.12
CA VAL A 11 -9.43 8.13 15.54
C VAL A 11 -9.60 7.83 17.02
N LYS B 1 -6.98 5.17 18.40
CA LYS B 1 -6.68 3.91 17.72
C LYS B 1 -6.35 4.17 16.25
N VAL B 2 -5.58 3.27 15.64
CA VAL B 2 -5.08 3.46 14.28
C VAL B 2 -5.97 2.70 13.31
N LYS B 3 -6.34 3.36 12.22
CA LYS B 3 -7.11 2.78 11.14
C LYS B 3 -6.42 3.06 9.80
N VAL B 4 -6.55 2.12 8.89
CA VAL B 4 -6.21 2.35 7.49
C VAL B 4 -7.51 2.61 6.73
N LEU B 5 -7.61 3.80 6.14
CA LEU B 5 -8.71 4.12 5.26
C LEU B 5 -8.36 3.69 3.85
N TRP B 6 -9.30 3.03 3.17
CA TRP B 6 -9.12 2.53 1.80
C TRP B 6 -10.16 3.10 0.87
N ASP B 7 -9.75 3.40 -0.35
CA ASP B 7 -10.70 3.80 -1.37
C ASP B 7 -10.21 3.28 -2.71
N VAL B 8 -11.13 3.24 -3.66
CA VAL B 8 -10.82 2.99 -5.06
C VAL B 8 -11.34 4.14 -5.90
N ILE B 9 -10.71 4.32 -7.05
CA ILE B 9 -11.27 5.10 -8.14
C ILE B 9 -11.29 4.21 -9.37
N GLU B 10 -12.31 4.41 -10.20
CA GLU B 10 -12.47 3.76 -11.50
C GLU B 10 -12.15 4.84 -12.52
N VAL B 11 -10.94 4.78 -13.09
CA VAL B 11 -10.51 5.83 -14.00
C VAL B 11 -10.65 5.36 -15.45
N LYS C 1 -0.37 -10.63 20.19
CA LYS C 1 -1.20 -11.04 19.05
C LYS C 1 -1.71 -9.80 18.31
N VAL C 2 -1.85 -9.91 16.99
CA VAL C 2 -2.31 -8.80 16.15
C VAL C 2 -3.38 -9.33 15.20
N LYS C 3 -4.43 -8.53 15.01
CA LYS C 3 -5.50 -8.89 14.09
C LYS C 3 -5.95 -7.66 13.31
N VAL C 4 -6.34 -7.90 12.06
CA VAL C 4 -6.89 -6.86 11.20
C VAL C 4 -8.36 -7.17 10.98
N LEU C 5 -9.20 -6.18 11.26
CA LEU C 5 -10.65 -6.25 11.11
C LEU C 5 -11.07 -5.34 9.97
N TRP C 6 -12.08 -5.75 9.21
CA TRP C 6 -12.67 -4.90 8.19
C TRP C 6 -13.87 -4.16 8.76
N ASP C 7 -13.87 -2.84 8.58
CA ASP C 7 -14.94 -1.98 9.03
C ASP C 7 -15.51 -1.26 7.81
N VAL C 8 -16.82 -1.10 7.76
CA VAL C 8 -17.44 -0.27 6.73
C VAL C 8 -18.38 0.66 7.47
N ILE C 9 -18.12 1.96 7.37
CA ILE C 9 -18.90 2.93 8.12
C ILE C 9 -19.65 3.83 7.15
N GLU C 10 -20.81 4.29 7.60
CA GLU C 10 -21.61 5.26 6.86
C GLU C 10 -21.48 6.60 7.57
N VAL C 11 -21.07 7.62 6.84
CA VAL C 11 -20.77 8.91 7.44
C VAL C 11 -21.45 10.02 6.63
N LYS D 1 -21.92 9.09 2.86
CA LYS D 1 -20.73 8.57 2.19
C LYS D 1 -20.20 7.36 2.93
N VAL D 2 -19.73 6.38 2.19
CA VAL D 2 -19.24 5.13 2.78
C VAL D 2 -17.73 5.23 2.94
N LYS D 3 -17.22 4.66 4.02
CA LYS D 3 -15.78 4.54 4.21
C LYS D 3 -15.46 3.11 4.59
N VAL D 4 -14.38 2.58 3.99
CA VAL D 4 -13.89 1.24 4.24
C VAL D 4 -12.57 1.34 4.99
N LEU D 5 -12.48 0.65 6.13
CA LEU D 5 -11.31 0.77 6.99
C LEU D 5 -10.78 -0.60 7.40
N TRP D 6 -9.48 -0.63 7.65
CA TRP D 6 -8.83 -1.67 8.43
C TRP D 6 -8.66 -1.19 9.87
N ASP D 7 -9.13 -1.98 10.82
CA ASP D 7 -8.72 -1.78 12.20
C ASP D 7 -7.52 -2.67 12.48
N VAL D 8 -6.48 -2.08 13.05
CA VAL D 8 -5.29 -2.83 13.46
C VAL D 8 -5.27 -2.85 14.99
N ILE D 9 -5.34 -4.04 15.57
CA ILE D 9 -5.44 -4.18 17.03
C ILE D 9 -4.20 -4.92 17.54
N GLU D 10 -3.59 -4.36 18.58
CA GLU D 10 -2.51 -4.99 19.34
C GLU D 10 -3.12 -5.46 20.67
N VAL D 11 -3.58 -6.70 20.69
CA VAL D 11 -4.20 -7.23 21.90
C VAL D 11 -3.46 -8.47 22.38
N LYS E 1 5.79 -4.85 17.58
CA LYS E 1 5.25 -3.88 16.65
C LYS E 1 4.57 -4.59 15.48
N VAL E 2 3.53 -3.97 14.93
CA VAL E 2 2.73 -4.57 13.88
C VAL E 2 3.33 -4.23 12.53
N LYS E 3 3.37 -5.21 11.63
CA LYS E 3 3.87 -4.95 10.29
C LYS E 3 2.99 -5.71 9.31
N VAL E 4 2.90 -5.17 8.09
CA VAL E 4 2.14 -5.75 7.00
C VAL E 4 3.13 -6.13 5.92
N LEU E 5 3.03 -7.35 5.43
CA LEU E 5 3.87 -7.83 4.33
C LEU E 5 3.00 -7.95 3.10
N TRP E 6 3.40 -7.28 2.03
CA TRP E 6 2.68 -7.30 0.77
C TRP E 6 3.49 -8.07 -0.26
N ASP E 7 2.79 -8.84 -1.08
CA ASP E 7 3.34 -9.48 -2.25
C ASP E 7 2.44 -9.11 -3.43
N VAL E 8 3.04 -8.61 -4.49
CA VAL E 8 2.31 -8.22 -5.70
C VAL E 8 2.85 -9.10 -6.82
N ILE E 9 2.01 -10.00 -7.34
CA ILE E 9 2.46 -11.02 -8.29
C ILE E 9 1.71 -10.89 -9.61
N GLU E 10 2.35 -11.37 -10.67
CA GLU E 10 1.73 -11.51 -11.97
C GLU E 10 1.43 -12.98 -12.20
N VAL E 11 0.23 -13.27 -12.67
CA VAL E 11 -0.24 -14.63 -12.83
C VAL E 11 -0.67 -14.79 -14.28
N LYS F 1 -2.17 -11.17 -15.41
CA LYS F 1 -3.05 -10.62 -14.38
C LYS F 1 -2.27 -10.36 -13.10
N VAL F 2 -2.53 -9.22 -12.46
CA VAL F 2 -1.85 -8.87 -11.23
C VAL F 2 -2.73 -9.29 -10.06
N LYS F 3 -2.14 -9.99 -9.09
CA LYS F 3 -2.80 -10.35 -7.85
C LYS F 3 -2.00 -9.82 -6.67
N VAL F 4 -2.71 -9.48 -5.59
CA VAL F 4 -2.11 -8.92 -4.39
C VAL F 4 -2.32 -9.88 -3.23
N LEU F 5 -1.26 -10.08 -2.44
CA LEU F 5 -1.30 -10.88 -1.24
C LEU F 5 -0.76 -10.06 -0.07
N TRP F 6 -1.33 -10.28 1.11
CA TRP F 6 -0.92 -9.55 2.28
C TRP F 6 -1.16 -10.36 3.54
N ASP F 7 -0.30 -10.15 4.51
CA ASP F 7 -0.41 -10.77 5.81
CA ASP F 7 -0.32 -10.82 5.80
C ASP F 7 0.13 -9.81 6.86
N VAL F 8 -0.52 -9.79 8.01
CA VAL F 8 -0.11 -8.94 9.11
C VAL F 8 0.67 -9.79 10.10
N ILE F 9 1.85 -9.32 10.47
CA ILE F 9 2.77 -10.07 11.32
C ILE F 9 3.12 -9.22 12.53
N GLU F 10 3.43 -9.91 13.62
CA GLU F 10 3.87 -9.27 14.86
C GLU F 10 5.36 -9.54 15.03
N VAL F 11 6.15 -8.47 15.04
CA VAL F 11 7.58 -8.60 15.28
C VAL F 11 7.90 -7.98 16.65
N LYS G 1 1.51 13.84 -18.21
CA LYS G 1 1.51 13.90 -16.76
C LYS G 1 2.68 13.13 -16.17
N VAL G 2 3.23 13.64 -15.08
CA VAL G 2 4.39 13.01 -14.43
C VAL G 2 3.91 12.00 -13.39
N LYS G 3 4.42 10.78 -13.49
CA LYS G 3 4.18 9.77 -12.47
C LYS G 3 5.51 9.18 -12.04
N VAL G 4 5.52 8.56 -10.84
CA VAL G 4 6.67 7.81 -10.35
C VAL G 4 6.45 6.33 -10.62
N LEU G 5 7.45 5.68 -11.16
CA LEU G 5 7.38 4.26 -11.45
C LEU G 5 8.49 3.57 -10.68
N TRP G 6 8.17 2.50 -9.95
CA TRP G 6 9.26 1.78 -9.29
C TRP G 6 9.01 0.29 -9.38
N ASP G 7 10.11 -0.46 -9.38
CA ASP G 7 10.00 -1.90 -9.46
C ASP G 7 11.22 -2.52 -8.79
N VAL G 8 11.08 -3.79 -8.44
CA VAL G 8 12.04 -4.47 -7.58
C VAL G 8 12.69 -5.58 -8.39
N ILE G 9 14.03 -5.64 -8.35
CA ILE G 9 14.76 -6.78 -8.88
C ILE G 9 15.50 -7.47 -7.74
N GLU G 10 15.73 -8.76 -7.91
CA GLU G 10 16.60 -9.52 -7.01
C GLU G 10 17.82 -9.97 -7.79
N VAL G 11 18.99 -9.61 -7.29
CA VAL G 11 20.24 -9.95 -7.98
C VAL G 11 21.01 -10.95 -7.15
N LYS H 1 20.59 -10.13 -3.39
CA LYS H 1 20.04 -8.98 -2.68
C LYS H 1 18.95 -8.30 -3.51
N VAL H 2 18.16 -7.46 -2.86
CA VAL H 2 17.04 -6.79 -3.50
C VAL H 2 17.47 -5.39 -3.87
N LYS H 3 17.03 -4.91 -5.04
CA LYS H 3 17.29 -3.55 -5.46
C LYS H 3 16.00 -2.92 -5.94
N VAL H 4 15.76 -1.66 -5.59
CA VAL H 4 14.55 -0.96 -6.01
C VAL H 4 14.92 0.08 -7.05
N LEU H 5 14.33 -0.02 -8.23
CA LEU H 5 14.65 0.83 -9.38
C LEU H 5 13.57 1.91 -9.49
N TRP H 6 13.97 3.17 -9.36
CA TRP H 6 13.06 4.30 -9.46
C TRP H 6 13.15 4.98 -10.82
N ASP H 7 12.02 5.48 -11.28
CA ASP H 7 11.95 6.20 -12.54
C ASP H 7 10.87 7.26 -12.40
N VAL H 8 11.03 8.34 -13.14
CA VAL H 8 9.98 9.35 -13.29
C VAL H 8 9.64 9.42 -14.76
N ILE H 9 8.37 9.18 -15.10
CA ILE H 9 7.96 9.05 -16.50
C ILE H 9 6.98 10.15 -16.88
N GLU H 10 7.03 10.51 -18.17
CA GLU H 10 6.02 11.37 -18.80
C GLU H 10 5.01 10.47 -19.52
N VAL H 11 3.75 10.54 -19.12
CA VAL H 11 2.72 9.83 -19.87
C VAL H 11 1.76 10.81 -20.52
N LYS I 1 -8.40 19.40 -3.48
CA LYS I 1 -8.15 18.19 -2.71
C LYS I 1 -7.08 17.36 -3.40
N VAL I 2 -6.18 16.82 -2.61
CA VAL I 2 -5.09 15.99 -3.13
C VAL I 2 -5.51 14.53 -3.05
N LYS I 3 -5.20 13.77 -4.11
CA LYS I 3 -5.44 12.33 -4.14
C LYS I 3 -4.13 11.69 -4.56
N VAL I 4 -3.68 10.72 -3.79
CA VAL I 4 -2.48 9.95 -4.07
C VAL I 4 -2.93 8.60 -4.63
N LEU I 5 -2.69 8.37 -5.92
CA LEU I 5 -3.20 7.21 -6.63
C LEU I 5 -2.12 6.15 -6.75
N TRP I 6 -2.48 4.92 -6.42
CA TRP I 6 -1.59 3.77 -6.58
C TRP I 6 -2.14 2.85 -7.64
N ASP I 7 -1.26 2.36 -8.51
CA ASP I 7 -1.67 1.35 -9.46
C ASP I 7 -0.51 0.37 -9.61
N VAL I 8 -0.82 -0.83 -10.07
CA VAL I 8 0.21 -1.81 -10.41
C VAL I 8 0.04 -2.14 -11.88
N ILE I 9 1.15 -2.16 -12.64
CA ILE I 9 1.03 -2.42 -14.07
C ILE I 9 1.87 -3.64 -14.39
N GLU I 10 1.40 -4.42 -15.37
CA GLU I 10 2.08 -5.62 -15.83
C GLU I 10 2.73 -5.30 -17.16
N VAL I 11 4.05 -5.42 -17.21
CA VAL I 11 4.79 -5.04 -18.41
C VAL I 11 5.66 -6.22 -18.86
N LYS J 1 6.59 -8.57 -15.74
CA LYS J 1 7.13 -7.82 -14.62
C LYS J 1 6.07 -6.89 -14.03
N VAL J 2 5.87 -6.93 -12.71
CA VAL J 2 4.95 -5.96 -12.12
C VAL J 2 5.74 -4.75 -11.66
N LYS J 3 5.14 -3.57 -11.86
CA LYS J 3 5.74 -2.31 -11.46
C LYS J 3 4.64 -1.54 -10.74
N VAL J 4 5.06 -0.68 -9.83
CA VAL J 4 4.11 0.14 -9.07
C VAL J 4 4.14 1.54 -9.66
N LEU J 5 2.96 2.08 -9.93
CA LEU J 5 2.81 3.40 -10.50
C LEU J 5 2.14 4.29 -9.45
N TRP J 6 2.73 5.46 -9.21
CA TRP J 6 2.36 6.34 -8.10
C TRP J 6 2.16 7.74 -8.66
N ASP J 7 0.97 8.30 -8.44
CA ASP J 7 0.60 9.56 -9.08
C ASP J 7 -0.08 10.44 -8.05
N VAL J 8 0.28 11.72 -8.02
CA VAL J 8 -0.40 12.69 -7.16
C VAL J 8 -1.26 13.60 -8.04
N ILE J 9 -2.53 13.74 -7.69
CA ILE J 9 -3.41 14.60 -8.46
C ILE J 9 -4.09 15.57 -7.50
N GLU J 10 -4.44 16.73 -8.04
CA GLU J 10 -5.19 17.74 -7.31
C GLU J 10 -6.52 17.93 -8.03
N VAL J 11 -7.60 17.55 -7.35
CA VAL J 11 -8.94 17.72 -7.88
C VAL J 11 -9.64 18.85 -7.15
N LYS K 1 12.31 -14.72 -1.15
CA LYS K 1 11.74 -13.87 -2.21
C LYS K 1 11.60 -12.45 -1.70
N VAL K 2 10.87 -11.61 -2.42
CA VAL K 2 10.77 -10.18 -2.11
C VAL K 2 9.39 -9.86 -1.54
N LYS K 3 9.35 -9.03 -0.50
CA LYS K 3 8.08 -8.53 0.01
C LYS K 3 8.24 -7.05 0.32
N VAL K 4 7.11 -6.34 0.24
CA VAL K 4 7.02 -4.94 0.62
C VAL K 4 6.49 -4.89 2.05
N LEU K 5 7.20 -4.19 2.91
CA LEU K 5 6.92 -4.17 4.34
C LEU K 5 6.34 -2.82 4.69
N TRP K 6 5.20 -2.82 5.39
CA TRP K 6 4.64 -1.65 6.04
C TRP K 6 4.90 -1.75 7.54
N ASP K 7 5.45 -0.69 8.12
CA ASP K 7 5.41 -0.46 9.56
C ASP K 7 4.57 0.79 9.80
N VAL K 8 3.46 0.64 10.49
CA VAL K 8 2.73 1.79 10.99
C VAL K 8 3.32 2.14 12.35
N ILE K 9 4.06 3.24 12.39
CA ILE K 9 4.76 3.65 13.61
C ILE K 9 3.88 4.63 14.37
N GLU K 10 3.60 4.31 15.62
CA GLU K 10 2.85 5.21 16.49
C GLU K 10 3.76 6.35 16.92
N VAL K 11 3.41 7.57 16.51
CA VAL K 11 4.20 8.75 16.84
C VAL K 11 3.29 9.85 17.33
N LYS L 1 1.88 12.64 14.22
CA LYS L 1 1.14 12.14 13.08
C LYS L 1 1.56 10.71 12.74
N VAL L 2 0.67 9.75 13.02
CA VAL L 2 0.95 8.35 12.69
C VAL L 2 1.26 8.25 11.21
N LYS L 3 2.28 7.46 10.87
CA LYS L 3 2.76 7.37 9.49
C LYS L 3 3.10 5.93 9.14
N VAL L 4 3.00 5.63 7.86
CA VAL L 4 3.42 4.34 7.31
C VAL L 4 4.86 4.48 6.83
N LEU L 5 5.76 3.68 7.38
CA LEU L 5 7.09 3.49 6.84
C LEU L 5 7.02 2.23 6.00
N TRP L 6 7.50 2.30 4.76
CA TRP L 6 7.49 1.11 3.93
C TRP L 6 8.88 0.91 3.32
N ASP L 7 9.21 -0.36 3.12
CA ASP L 7 10.51 -0.77 2.64
C ASP L 7 10.30 -2.04 1.84
N VAL L 8 11.33 -2.44 1.10
CA VAL L 8 11.31 -3.71 0.37
C VAL L 8 12.35 -4.60 1.02
N ILE L 9 11.92 -5.79 1.45
CA ILE L 9 12.78 -6.72 2.19
C ILE L 9 12.86 -8.05 1.46
N GLU L 10 13.93 -8.79 1.76
CA GLU L 10 14.11 -10.13 1.23
C GLU L 10 13.89 -11.11 2.38
N VAL L 11 12.82 -11.90 2.26
CA VAL L 11 12.50 -12.90 3.28
C VAL L 11 13.25 -14.19 2.97
NA NA M . -0.25 9.61 17.13
C1 TFA N . -7.18 -3.62 -0.82
C2 TFA N . -7.10 -5.14 -0.88
O TFA N . -6.14 -3.05 -0.44
F1 TFA N . -6.91 -5.69 0.31
F2 TFA N . -8.19 -5.68 -1.38
F3 TFA N . -6.09 -5.55 -1.64
OXT TFA N . -8.28 -3.13 -1.14
C1 TFA O . -13.79 10.01 11.48
C2 TFA O . -13.96 8.95 10.39
O TFA O . -12.61 10.22 11.84
F1 TFA O . -14.62 7.89 10.81
F2 TFA O . -14.63 9.41 9.35
F3 TFA O . -12.80 8.52 9.94
OXT TFA O . -14.85 10.53 11.90
C1 TFA P . 7.96 2.33 -18.86
C2 TFA P . 6.52 1.87 -18.54
O TFA P . 8.84 1.46 -18.69
F1 TFA P . 5.70 2.07 -19.55
F2 TFA P . 6.46 0.59 -18.24
F3 TFA P . 6.01 2.52 -17.51
OXT TFA P . 8.07 3.51 -19.25
C1 GOL Q . 3.72 6.78 1.09
C1 GOL Q . 3.54 7.10 0.74
O1 GOL Q . 4.70 6.51 0.12
O1 GOL Q . 3.78 6.79 2.08
C2 GOL Q . 2.81 7.91 0.53
C2 GOL Q . 2.54 8.30 0.73
O2 GOL Q . 1.72 7.41 -0.17
O2 GOL Q . 1.69 8.26 -0.38
C3 GOL Q . 2.37 8.71 1.78
C3 GOL Q . 1.75 8.20 2.05
O3 GOL Q . 0.97 8.75 1.75
O3 GOL Q . 0.45 8.61 1.78
C1 TFA R . 0.57 -0.81 -1.47
C2 TFA R . -0.30 -0.98 -2.72
O TFA R . 0.07 -1.23 -0.42
F1 TFA R . 0.36 -1.54 -3.73
F2 TFA R . -1.36 -1.74 -2.50
F3 TFA R . -0.76 0.17 -3.18
OXT TFA R . 1.68 -0.28 -1.67
#